data_2LTN
#
_entry.id   2LTN
#
_cell.length_a   50.730
_cell.length_b   61.160
_cell.length_c   136.590
_cell.angle_alpha   90.00
_cell.angle_beta   90.00
_cell.angle_gamma   90.00
#
_symmetry.space_group_name_H-M   'P 21 21 21'
#
loop_
_entity.id
_entity.type
_entity.pdbx_description
1 polymer 'PEA LECTIN, ALPHA CHAIN'
2 polymer 'PEA LECTIN, BETA CHAIN'
3 non-polymer 'MANGANESE (II) ION'
4 non-polymer 'CALCIUM ION'
5 water water
#
loop_
_entity_poly.entity_id
_entity_poly.type
_entity_poly.pdbx_seq_one_letter_code
_entity_poly.pdbx_strand_id
1 'polypeptide(L)'
;TETTSFLITKFSPDQQNLIFQGDGYTTKEKLTLTKAVKNTVGRALYSSPIHIWDRETGNVANFVTSFTFVINAPNSYNVA
DGFTFFIAPVDTKPQTGGGYLGVFNSAEYDKTTQTVAVEFDTFYNAAWDPSNRDRHIGIDVNSIKSVNTKSWKLQNGEEA
NVVIAFNAATNVLTVSLTYPN
;
A,C
2 'polypeptide(L)' VTSYTLSDVVSLKDVVPEWVRIGFSATTGAEYAAHEVLSWSFHSELSGTSSS B,D
#
loop_
_chem_comp.id
_chem_comp.type
_chem_comp.name
_chem_comp.formula
CA non-polymer 'CALCIUM ION' 'Ca 2'
MN non-polymer 'MANGANESE (II) ION' 'Mn 2'
#
# COMPACT_ATOMS: atom_id res chain seq x y z
N THR A 1 -9.63 -3.90 -12.81
CA THR A 1 -9.84 -4.29 -11.41
C THR A 1 -8.67 -3.76 -10.60
N GLU A 2 -8.94 -3.38 -9.35
CA GLU A 2 -7.82 -2.90 -8.50
C GLU A 2 -8.08 -3.39 -7.11
N THR A 3 -7.14 -4.09 -6.52
CA THR A 3 -7.35 -4.56 -5.09
C THR A 3 -6.17 -4.12 -4.28
N THR A 4 -6.33 -3.89 -3.00
CA THR A 4 -5.31 -3.47 -2.05
C THR A 4 -5.57 -4.35 -0.78
N SER A 5 -4.57 -4.96 -0.23
CA SER A 5 -4.84 -5.77 0.97
C SER A 5 -3.64 -5.60 1.86
N PHE A 6 -3.80 -5.71 3.14
CA PHE A 6 -2.64 -5.71 4.05
C PHE A 6 -3.09 -6.41 5.31
N LEU A 7 -2.16 -6.99 5.99
CA LEU A 7 -2.42 -7.65 7.30
C LEU A 7 -1.26 -7.28 8.17
N ILE A 8 -1.48 -6.85 9.39
CA ILE A 8 -0.41 -6.60 10.35
C ILE A 8 -0.86 -7.28 11.67
N THR A 9 -0.19 -8.35 12.02
CA THR A 9 -0.68 -9.00 13.30
C THR A 9 0.14 -8.54 14.47
N LYS A 10 1.20 -7.84 14.29
CA LYS A 10 2.02 -7.31 15.40
C LYS A 10 2.83 -6.18 14.78
N PHE A 11 2.75 -5.05 15.42
CA PHE A 11 3.37 -3.79 14.93
C PHE A 11 4.85 -3.80 15.29
N SER A 12 5.61 -3.08 14.54
CA SER A 12 7.06 -2.94 14.81
C SER A 12 7.28 -1.47 15.17
N PRO A 13 8.35 -1.17 15.90
CA PRO A 13 8.77 0.16 16.26
C PRO A 13 9.04 1.08 15.08
N ASP A 14 9.47 0.51 13.96
CA ASP A 14 9.67 1.33 12.72
C ASP A 14 8.69 0.80 11.69
N GLN A 15 7.43 1.23 11.85
CA GLN A 15 6.38 0.68 10.92
C GLN A 15 6.25 1.64 9.79
N GLN A 16 7.09 1.52 8.70
CA GLN A 16 7.18 2.50 7.66
C GLN A 16 6.01 2.64 6.70
N ASN A 17 5.10 1.64 6.79
CA ASN A 17 3.94 1.62 5.94
C ASN A 17 2.72 2.35 6.67
N LEU A 18 2.98 2.89 7.80
CA LEU A 18 1.91 3.70 8.43
C LEU A 18 2.37 5.15 8.46
N ILE A 19 1.42 6.06 8.49
CA ILE A 19 1.68 7.48 8.66
C ILE A 19 1.18 7.79 10.11
N PHE A 20 1.97 8.41 10.91
CA PHE A 20 1.55 8.70 12.30
C PHE A 20 1.34 10.18 12.43
N GLN A 21 0.25 10.56 13.18
CA GLN A 21 -0.11 11.95 13.42
C GLN A 21 -0.42 12.15 14.93
N GLY A 22 -0.07 13.32 15.33
CA GLY A 22 -0.29 13.68 16.80
C GLY A 22 0.52 12.76 17.66
N ASP A 23 -0.13 12.03 18.61
CA ASP A 23 0.54 11.16 19.55
C ASP A 23 0.79 9.73 19.08
N GLY A 24 0.40 9.41 17.89
CA GLY A 24 0.39 8.02 17.39
C GLY A 24 1.88 7.50 17.25
N TYR A 25 2.02 6.30 17.66
CA TYR A 25 3.33 5.64 17.48
C TYR A 25 3.13 4.17 17.77
N THR A 26 4.12 3.37 17.33
CA THR A 26 4.12 1.94 17.55
C THR A 26 5.26 1.56 18.48
N THR A 27 5.03 0.50 19.17
CA THR A 27 5.45 -0.50 19.96
C THR A 27 5.27 -0.79 21.41
N LYS A 28 5.17 -2.08 21.63
CA LYS A 28 5.11 -3.16 22.51
C LYS A 28 4.31 -4.18 21.57
N GLU A 29 4.76 -4.04 20.33
CA GLU A 29 4.11 -4.81 19.24
C GLU A 29 2.71 -4.21 18.96
N LYS A 30 2.40 -3.14 19.70
CA LYS A 30 1.06 -2.51 19.53
C LYS A 30 1.15 -1.11 18.95
N LEU A 31 0.04 -0.66 18.40
CA LEU A 31 -0.11 0.70 17.87
C LEU A 31 -0.82 1.54 18.98
N THR A 32 -0.14 2.52 19.48
CA THR A 32 -0.74 3.41 20.52
C THR A 32 -1.23 4.69 19.87
N LEU A 33 -2.51 5.02 20.07
CA LEU A 33 -3.05 6.27 19.45
C LEU A 33 -2.93 7.37 20.53
N THR A 34 -3.40 7.00 21.73
CA THR A 34 -3.21 7.94 22.87
C THR A 34 -2.79 7.09 24.06
N LYS A 35 -1.94 7.69 24.89
CA LYS A 35 -1.61 7.18 26.23
C LYS A 35 -2.80 7.77 27.09
N ALA A 36 -2.73 7.40 28.38
CA ALA A 36 -3.80 7.92 29.27
C ALA A 36 -3.43 9.30 29.76
N VAL A 37 -3.65 10.31 28.95
CA VAL A 37 -3.36 11.70 29.25
C VAL A 37 -4.51 12.54 28.71
N LYS A 38 -4.69 13.69 29.30
CA LYS A 38 -5.76 14.58 28.92
C LYS A 38 -5.54 15.39 27.69
N ASN A 39 -6.63 15.72 27.01
CA ASN A 39 -6.75 16.59 25.90
C ASN A 39 -5.69 16.29 24.77
N THR A 40 -5.72 15.08 24.35
CA THR A 40 -4.75 14.74 23.22
C THR A 40 -5.41 14.05 22.09
N VAL A 41 -4.67 13.84 20.98
CA VAL A 41 -5.18 13.22 19.76
C VAL A 41 -3.98 12.40 19.13
N GLY A 42 -4.38 11.27 18.63
CA GLY A 42 -3.33 10.47 17.87
C GLY A 42 -4.11 9.84 16.73
N ARG A 43 -3.45 9.74 15.53
CA ARG A 43 -4.02 9.05 14.39
C ARG A 43 -2.91 8.18 13.71
N ALA A 44 -3.43 7.23 13.00
CA ALA A 44 -2.41 6.40 12.20
C ALA A 44 -3.12 6.07 10.92
N LEU A 45 -2.47 6.28 9.76
CA LEU A 45 -3.11 6.00 8.48
C LEU A 45 -2.24 4.96 7.66
N TYR A 46 -2.98 4.21 6.90
CA TYR A 46 -2.18 3.26 5.96
C TYR A 46 -1.56 4.21 4.92
N SER A 47 -0.23 3.85 4.62
CA SER A 47 0.54 4.72 3.67
C SER A 47 -0.06 4.87 2.28
N SER A 48 -0.53 3.76 1.75
CA SER A 48 -1.03 3.85 0.33
C SER A 48 -2.44 4.44 0.21
N PRO A 49 -2.61 5.34 -0.71
CA PRO A 49 -3.98 5.81 -1.07
C PRO A 49 -4.68 4.61 -1.61
N ILE A 50 -5.99 4.50 -1.38
CA ILE A 50 -6.87 3.39 -1.80
C ILE A 50 -7.88 3.90 -2.86
N HIS A 51 -8.02 3.19 -3.94
CA HIS A 51 -8.97 3.68 -5.00
C HIS A 51 -10.34 3.09 -4.62
N ILE A 52 -11.15 3.99 -4.04
CA ILE A 52 -12.45 3.48 -3.48
C ILE A 52 -13.63 3.58 -4.39
N TRP A 53 -13.58 4.38 -5.43
CA TRP A 53 -14.59 4.43 -6.47
C TRP A 53 -13.94 4.86 -7.79
N ASP A 54 -14.52 4.46 -8.88
CA ASP A 54 -13.90 4.72 -10.21
C ASP A 54 -14.75 5.72 -10.96
N ARG A 55 -14.15 6.84 -11.27
CA ARG A 55 -14.80 7.92 -12.01
C ARG A 55 -15.30 7.48 -13.38
N GLU A 56 -14.50 6.68 -14.09
CA GLU A 56 -14.86 6.29 -15.47
C GLU A 56 -16.14 5.47 -15.51
N THR A 57 -16.17 4.43 -14.71
CA THR A 57 -17.22 3.44 -14.61
C THR A 57 -18.29 3.71 -13.56
N GLY A 58 -17.99 4.49 -12.57
CA GLY A 58 -18.94 4.79 -11.48
C GLY A 58 -19.01 3.60 -10.50
N ASN A 59 -18.15 2.59 -10.71
CA ASN A 59 -18.16 1.45 -9.77
C ASN A 59 -17.62 1.92 -8.42
N VAL A 60 -17.99 1.21 -7.36
CA VAL A 60 -17.53 1.54 -6.01
C VAL A 60 -16.93 0.26 -5.44
N ALA A 61 -15.92 0.34 -4.60
CA ALA A 61 -15.23 -0.80 -4.10
C ALA A 61 -15.98 -1.49 -2.95
N ASN A 62 -15.85 -2.78 -2.91
CA ASN A 62 -16.28 -3.56 -1.74
C ASN A 62 -15.03 -3.45 -0.83
N PHE A 63 -15.21 -3.38 0.49
CA PHE A 63 -14.07 -3.49 1.38
C PHE A 63 -14.43 -4.11 2.69
N VAL A 64 -13.43 -4.67 3.33
CA VAL A 64 -13.66 -5.23 4.71
C VAL A 64 -12.43 -4.89 5.50
N THR A 65 -12.55 -4.53 6.74
CA THR A 65 -11.38 -4.25 7.61
C THR A 65 -11.64 -4.96 8.93
N SER A 66 -10.65 -5.54 9.54
CA SER A 66 -10.86 -6.22 10.85
C SER A 66 -9.80 -5.66 11.73
N PHE A 67 -9.96 -5.45 13.01
CA PHE A 67 -8.88 -4.95 13.87
C PHE A 67 -9.27 -5.32 15.31
N THR A 68 -8.31 -5.36 16.13
CA THR A 68 -8.56 -5.63 17.58
C THR A 68 -8.09 -4.38 18.27
N PHE A 69 -8.85 -3.77 19.17
CA PHE A 69 -8.45 -2.56 19.85
C PHE A 69 -8.80 -2.68 21.37
N VAL A 70 -8.14 -1.88 22.11
CA VAL A 70 -8.33 -1.87 23.56
C VAL A 70 -8.41 -0.42 23.97
N ILE A 71 -9.35 -0.18 24.94
CA ILE A 71 -9.39 1.15 25.60
C ILE A 71 -9.01 0.82 27.04
N ASN A 72 -8.06 1.52 27.59
CA ASN A 72 -7.62 1.26 28.97
C ASN A 72 -7.71 2.57 29.72
N ALA A 73 -8.77 2.67 30.55
CA ALA A 73 -9.02 3.93 31.33
C ALA A 73 -8.72 3.63 32.80
N PRO A 74 -8.37 4.68 33.52
CA PRO A 74 -8.01 4.57 34.96
C PRO A 74 -9.12 3.99 35.80
N ASN A 75 -10.35 4.32 35.41
CA ASN A 75 -11.57 3.79 36.11
C ASN A 75 -12.60 3.75 34.98
N SER A 76 -13.56 2.88 35.01
CA SER A 76 -14.55 2.77 33.97
C SER A 76 -15.63 3.82 34.05
N TYR A 77 -15.50 4.78 34.97
CA TYR A 77 -16.59 5.77 35.13
C TYR A 77 -16.29 7.06 34.42
N ASN A 78 -15.01 7.37 34.31
CA ASN A 78 -14.57 8.63 33.65
C ASN A 78 -13.69 8.29 32.43
N VAL A 79 -14.32 8.28 31.33
CA VAL A 79 -13.59 7.97 30.01
C VAL A 79 -14.38 8.92 29.09
N ALA A 80 -13.12 9.25 28.57
CA ALA A 80 -13.10 9.92 27.48
C ALA A 80 -12.30 9.85 26.14
N ASP A 81 -12.22 10.44 25.04
CA ASP A 81 -13.18 10.74 24.09
C ASP A 81 -13.84 9.65 23.28
N GLY A 82 -12.94 8.83 22.68
CA GLY A 82 -13.40 7.67 21.87
C GLY A 82 -12.33 7.47 20.70
N PHE A 83 -12.76 6.55 19.96
CA PHE A 83 -11.85 6.03 18.86
C PHE A 83 -12.66 5.88 17.63
N THR A 84 -11.95 6.01 16.43
CA THR A 84 -12.68 5.83 15.21
C THR A 84 -11.84 5.04 14.17
N PHE A 85 -12.58 4.45 13.31
CA PHE A 85 -11.87 3.96 12.03
C PHE A 85 -12.42 4.98 11.05
N PHE A 86 -11.63 5.54 10.09
CA PHE A 86 -12.14 6.55 9.19
C PHE A 86 -11.62 6.46 7.75
N ILE A 87 -12.34 6.99 6.89
CA ILE A 87 -12.00 7.05 5.43
C ILE A 87 -12.10 8.51 5.13
N ALA A 88 -10.96 9.11 4.60
CA ALA A 88 -10.88 10.55 4.38
C ALA A 88 -9.97 10.83 3.10
N PRO A 89 -9.92 12.07 2.78
CA PRO A 89 -9.09 12.49 1.60
C PRO A 89 -7.64 12.05 1.96
N VAL A 90 -6.87 11.88 0.82
CA VAL A 90 -5.49 11.38 0.96
C VAL A 90 -4.61 12.19 1.88
N ASP A 91 -4.68 13.50 1.81
CA ASP A 91 -3.77 14.31 2.68
C ASP A 91 -4.42 14.80 3.98
N THR A 92 -5.25 13.94 4.52
CA THR A 92 -5.91 14.31 5.82
C THR A 92 -4.99 14.62 6.92
N LYS A 93 -5.19 15.65 7.71
CA LYS A 93 -4.49 15.99 8.97
C LYS A 93 -5.57 15.93 10.11
N PRO A 94 -5.06 15.86 11.30
CA PRO A 94 -6.02 15.79 12.48
C PRO A 94 -6.93 17.01 12.43
N GLN A 95 -8.24 16.71 12.65
CA GLN A 95 -9.31 17.70 12.71
C GLN A 95 -9.43 18.02 14.18
N THR A 96 -10.61 18.60 14.53
CA THR A 96 -10.79 18.97 15.98
C THR A 96 -10.68 17.81 16.88
N GLY A 97 -10.12 17.99 18.08
CA GLY A 97 -9.92 16.98 19.10
C GLY A 97 -11.18 16.81 20.03
N GLY A 98 -10.87 16.22 21.12
CA GLY A 98 -11.96 16.02 22.17
C GLY A 98 -13.11 15.26 21.57
N GLY A 99 -14.37 15.86 21.82
CA GLY A 99 -15.54 15.16 21.31
C GLY A 99 -15.71 14.94 19.82
N TYR A 100 -14.84 15.68 19.05
CA TYR A 100 -14.83 15.61 17.59
C TYR A 100 -13.93 14.47 17.03
N LEU A 101 -13.29 13.82 17.95
CA LEU A 101 -12.55 12.57 17.71
C LEU A 101 -11.38 12.73 16.71
N GLY A 102 -10.99 13.95 16.49
CA GLY A 102 -9.87 14.20 15.50
C GLY A 102 -10.30 13.98 14.13
N VAL A 103 -11.58 13.89 13.73
CA VAL A 103 -12.06 13.65 12.40
C VAL A 103 -13.00 14.63 11.83
N PHE A 104 -13.75 15.35 12.73
CA PHE A 104 -14.74 16.36 12.28
C PHE A 104 -14.56 17.66 13.04
N ASN A 105 -15.29 18.67 12.56
CA ASN A 105 -15.11 20.03 13.18
C ASN A 105 -16.52 20.56 13.52
N SER A 106 -17.54 19.81 13.20
CA SER A 106 -18.89 20.37 13.53
C SER A 106 -19.85 19.17 13.63
N ALA A 107 -21.04 19.56 14.14
CA ALA A 107 -22.17 18.68 14.33
C ALA A 107 -23.19 18.93 13.23
N GLU A 108 -22.87 19.81 12.31
CA GLU A 108 -23.72 20.06 11.15
C GLU A 108 -22.98 19.35 9.96
N TYR A 109 -23.72 19.03 8.95
CA TYR A 109 -23.17 18.40 7.75
C TYR A 109 -22.26 19.38 6.99
N ASP A 110 -21.03 18.97 6.81
CA ASP A 110 -20.04 19.78 6.05
C ASP A 110 -19.55 18.91 4.87
N LYS A 111 -20.02 19.20 3.68
CA LYS A 111 -19.64 18.36 2.52
C LYS A 111 -18.15 18.43 2.23
N THR A 112 -17.47 19.47 2.70
CA THR A 112 -16.02 19.55 2.35
C THR A 112 -15.18 18.63 3.19
N THR A 113 -15.68 18.16 4.33
CA THR A 113 -14.94 17.27 5.21
C THR A 113 -14.63 15.96 4.46
N GLN A 114 -15.61 15.52 3.68
CA GLN A 114 -15.43 14.34 2.81
C GLN A 114 -14.93 13.12 3.53
N THR A 115 -15.55 12.84 4.73
CA THR A 115 -15.06 11.78 5.58
C THR A 115 -16.22 10.90 6.11
N VAL A 116 -15.94 9.65 6.12
CA VAL A 116 -16.88 8.68 6.75
C VAL A 116 -16.12 8.10 7.92
N ALA A 117 -16.73 7.97 9.10
CA ALA A 117 -16.10 7.38 10.24
C ALA A 117 -17.07 6.43 11.01
N VAL A 118 -16.41 5.45 11.55
CA VAL A 118 -17.14 4.50 12.50
C VAL A 118 -16.56 4.86 13.83
N GLU A 119 -17.46 5.39 14.74
CA GLU A 119 -17.01 5.83 16.03
C GLU A 119 -17.34 4.92 17.17
N PHE A 120 -16.52 4.82 18.14
CA PHE A 120 -16.66 4.05 19.41
C PHE A 120 -16.48 5.17 20.41
N ASP A 121 -17.69 5.73 20.76
CA ASP A 121 -17.76 6.99 21.52
C ASP A 121 -17.98 6.77 23.02
N THR A 122 -17.05 7.19 23.81
CA THR A 122 -17.07 6.83 25.25
C THR A 122 -17.59 7.96 26.12
N PHE A 123 -17.86 9.08 25.51
CA PHE A 123 -18.24 10.25 26.39
C PHE A 123 -19.42 10.93 25.77
N TYR A 124 -20.44 11.25 26.68
CA TYR A 124 -21.65 11.92 26.14
C TYR A 124 -21.48 13.39 26.01
N ASN A 125 -21.61 13.84 24.77
CA ASN A 125 -21.57 15.26 24.40
C ASN A 125 -23.07 15.66 24.20
N ALA A 126 -23.52 16.44 25.21
CA ALA A 126 -24.97 16.84 25.10
C ALA A 126 -25.40 17.48 23.83
N ALA A 127 -24.54 18.27 23.18
CA ALA A 127 -24.89 18.93 21.92
C ALA A 127 -25.33 18.05 20.81
N TRP A 128 -24.91 16.78 20.75
CA TRP A 128 -25.19 15.87 19.67
C TRP A 128 -25.23 14.40 19.95
N ASP A 129 -24.76 13.83 21.05
CA ASP A 129 -24.80 12.37 21.24
C ASP A 129 -26.24 11.93 21.67
N PRO A 130 -26.48 10.68 21.60
CA PRO A 130 -27.80 10.11 22.02
C PRO A 130 -28.10 10.55 23.47
N SER A 131 -29.38 11.03 23.64
CA SER A 131 -29.77 11.57 24.94
C SER A 131 -29.83 10.52 26.02
N ASN A 132 -29.80 9.26 25.72
CA ASN A 132 -29.74 8.20 26.74
C ASN A 132 -28.43 8.22 27.50
N ARG A 133 -27.44 8.96 26.97
CA ARG A 133 -26.14 9.12 27.56
C ARG A 133 -25.31 7.84 27.55
N ASP A 134 -25.70 6.84 26.86
CA ASP A 134 -24.95 5.59 26.78
C ASP A 134 -23.67 5.79 25.84
N ARG A 135 -22.72 4.97 26.21
CA ARG A 135 -21.52 4.92 25.25
C ARG A 135 -22.13 4.27 24.04
N HIS A 136 -21.56 4.48 22.82
CA HIS A 136 -22.20 3.96 21.64
C HIS A 136 -21.23 3.80 20.41
N ILE A 137 -21.70 3.01 19.55
CA ILE A 137 -20.99 2.89 18.23
C ILE A 137 -21.83 3.76 17.33
N GLY A 138 -21.27 4.48 16.36
CA GLY A 138 -21.90 5.30 15.45
C GLY A 138 -21.28 5.36 14.02
N ILE A 139 -22.17 5.57 13.11
CA ILE A 139 -21.65 5.76 11.69
C ILE A 139 -21.77 7.24 11.50
N ASP A 140 -20.68 7.92 11.17
CA ASP A 140 -20.56 9.33 10.99
C ASP A 140 -20.26 9.67 9.52
N VAL A 141 -21.05 10.62 9.04
CA VAL A 141 -20.87 11.04 7.61
C VAL A 141 -20.80 12.53 7.55
N ASN A 142 -19.61 13.09 7.44
CA ASN A 142 -19.39 14.54 7.31
C ASN A 142 -19.90 15.35 8.52
N SER A 143 -20.05 14.69 9.64
CA SER A 143 -20.48 15.31 10.88
C SER A 143 -20.24 14.39 12.05
N ILE A 144 -20.07 15.04 13.23
CA ILE A 144 -19.90 14.25 14.47
C ILE A 144 -21.26 13.69 15.03
N LYS A 145 -22.30 14.23 14.43
CA LYS A 145 -23.68 13.78 14.80
C LYS A 145 -23.99 12.57 13.93
N SER A 146 -23.87 11.39 14.52
CA SER A 146 -24.03 10.15 13.78
C SER A 146 -25.32 9.96 13.01
N VAL A 147 -25.28 9.30 11.88
CA VAL A 147 -26.52 8.97 11.14
C VAL A 147 -27.19 7.84 11.87
N ASN A 148 -26.55 6.99 12.60
CA ASN A 148 -27.13 5.87 13.31
C ASN A 148 -26.20 5.51 14.43
N THR A 149 -26.72 4.99 15.51
CA THR A 149 -25.94 4.66 16.71
C THR A 149 -26.54 3.40 17.33
N LYS A 150 -25.69 2.77 18.07
CA LYS A 150 -26.14 1.57 18.86
C LYS A 150 -25.47 1.68 20.18
N SER A 151 -26.18 1.55 21.33
CA SER A 151 -25.56 1.55 22.64
C SER A 151 -24.56 0.36 22.72
N TRP A 152 -23.48 0.69 23.40
CA TRP A 152 -22.36 -0.26 23.62
C TRP A 152 -21.82 -0.10 25.02
N LYS A 153 -21.69 -1.26 25.69
CA LYS A 153 -21.09 -1.31 27.04
C LYS A 153 -19.57 -1.56 26.90
N LEU A 154 -18.82 -0.54 27.19
CA LEU A 154 -17.35 -0.62 27.22
C LEU A 154 -16.92 -1.64 28.26
N GLN A 155 -16.00 -2.52 27.89
CA GLN A 155 -15.33 -3.46 28.81
C GLN A 155 -13.90 -2.90 28.93
N ASN A 156 -13.67 -2.22 30.02
CA ASN A 156 -12.34 -1.55 30.18
C ASN A 156 -11.19 -2.57 30.15
N GLY A 157 -10.19 -2.25 29.26
CA GLY A 157 -9.04 -3.14 29.19
C GLY A 157 -9.23 -4.43 28.42
N GLU A 158 -10.37 -4.75 27.88
CA GLU A 158 -10.65 -5.93 27.12
C GLU A 158 -10.38 -5.72 25.62
N GLU A 159 -9.90 -6.80 25.01
CA GLU A 159 -9.70 -6.69 23.51
C GLU A 159 -11.05 -6.77 22.85
N ALA A 160 -11.36 -5.84 22.00
CA ALA A 160 -12.53 -5.80 21.14
C ALA A 160 -12.19 -6.20 19.68
N ASN A 161 -12.87 -7.17 19.21
CA ASN A 161 -12.65 -7.56 17.78
C ASN A 161 -13.68 -6.83 16.96
N VAL A 162 -13.22 -6.06 15.96
CA VAL A 162 -14.17 -5.34 15.11
C VAL A 162 -14.07 -5.80 13.67
N VAL A 163 -15.19 -5.84 12.99
CA VAL A 163 -15.21 -6.08 11.55
C VAL A 163 -16.04 -4.95 10.97
N ILE A 164 -15.60 -4.25 9.97
CA ILE A 164 -16.33 -3.21 9.27
C ILE A 164 -16.33 -3.62 7.79
N ALA A 165 -17.48 -3.75 7.20
CA ALA A 165 -17.56 -4.19 5.78
C ALA A 165 -18.50 -3.27 5.04
N PHE A 166 -18.16 -3.05 3.77
CA PHE A 166 -18.95 -2.17 2.90
C PHE A 166 -19.34 -3.01 1.71
N ASN A 167 -20.63 -3.06 1.39
CA ASN A 167 -21.14 -3.82 0.26
C ASN A 167 -21.58 -2.88 -0.81
N ALA A 168 -20.80 -2.78 -1.90
CA ALA A 168 -21.04 -1.89 -2.99
C ALA A 168 -22.36 -2.08 -3.73
N ALA A 169 -22.90 -3.26 -3.73
CA ALA A 169 -24.16 -3.43 -4.52
C ALA A 169 -25.34 -2.79 -3.79
N THR A 170 -25.19 -2.66 -2.54
CA THR A 170 -26.26 -2.19 -1.59
C THR A 170 -25.98 -0.93 -0.88
N ASN A 171 -24.71 -0.49 -0.87
CA ASN A 171 -24.23 0.73 -0.22
C ASN A 171 -24.41 0.62 1.30
N VAL A 172 -24.46 -0.61 1.77
CA VAL A 172 -24.59 -0.87 3.21
C VAL A 172 -23.23 -1.00 3.90
N LEU A 173 -23.06 -0.20 4.93
CA LEU A 173 -21.84 -0.31 5.77
C LEU A 173 -22.27 -1.07 7.05
N THR A 174 -21.58 -2.11 7.34
CA THR A 174 -21.90 -2.92 8.54
C THR A 174 -20.75 -2.89 9.52
N VAL A 175 -21.04 -2.77 10.82
CA VAL A 175 -20.02 -2.75 11.84
C VAL A 175 -20.37 -3.82 12.87
N SER A 176 -19.37 -4.60 13.26
CA SER A 176 -19.60 -5.58 14.35
C SER A 176 -18.50 -5.47 15.34
N LEU A 177 -18.76 -5.48 16.62
CA LEU A 177 -17.83 -5.42 17.72
C LEU A 177 -18.17 -6.63 18.62
N THR A 178 -17.11 -7.34 18.95
CA THR A 178 -17.28 -8.57 19.79
C THR A 178 -16.24 -8.60 20.86
N TYR A 179 -16.71 -8.87 22.12
CA TYR A 179 -15.88 -9.14 23.27
C TYR A 179 -16.04 -10.64 23.61
N PRO A 180 -14.99 -11.27 24.07
CA PRO A 180 -15.01 -12.69 24.35
C PRO A 180 -15.98 -13.03 25.50
N ASN A 181 -16.16 -12.14 26.45
CA ASN A 181 -17.13 -12.47 27.52
C ASN A 181 -18.14 -11.44 28.01
N VAL B 1 -19.38 -14.06 25.41
CA VAL B 1 -19.32 -13.48 24.03
C VAL B 1 -20.43 -12.46 23.95
N THR B 2 -20.03 -11.22 23.74
CA THR B 2 -21.02 -10.09 23.66
C THR B 2 -20.76 -9.37 22.35
N SER B 3 -21.72 -9.29 21.51
CA SER B 3 -21.57 -8.62 20.20
C SER B 3 -22.53 -7.45 20.02
N TYR B 4 -22.13 -6.51 19.20
CA TYR B 4 -22.86 -5.29 18.85
C TYR B 4 -22.81 -5.21 17.35
N THR B 5 -23.90 -4.94 16.69
CA THR B 5 -23.86 -4.80 15.23
C THR B 5 -24.59 -3.55 14.90
N LEU B 6 -24.20 -2.83 13.87
CA LEU B 6 -24.88 -1.62 13.42
C LEU B 6 -24.74 -1.58 11.91
N SER B 7 -25.78 -1.19 11.21
CA SER B 7 -25.65 -1.07 9.73
C SER B 7 -26.40 0.15 9.24
N ASP B 8 -25.96 0.74 8.14
CA ASP B 8 -26.68 1.87 7.56
C ASP B 8 -26.22 2.03 6.11
N VAL B 9 -26.96 2.77 5.39
CA VAL B 9 -26.69 3.05 3.95
C VAL B 9 -25.88 4.31 3.89
N VAL B 10 -24.70 4.16 3.17
CA VAL B 10 -23.82 5.33 2.94
C VAL B 10 -23.44 5.32 1.44
N SER B 11 -23.78 6.39 0.74
CA SER B 11 -23.42 6.42 -0.69
C SER B 11 -21.98 7.01 -0.75
N LEU B 12 -21.05 6.12 -0.58
CA LEU B 12 -19.60 6.49 -0.54
C LEU B 12 -19.22 7.39 -1.67
N LYS B 13 -19.70 7.06 -2.87
CA LYS B 13 -19.38 7.83 -4.09
C LYS B 13 -19.73 9.27 -4.00
N ASP B 14 -20.79 9.62 -3.25
CA ASP B 14 -21.23 11.00 -3.09
C ASP B 14 -20.57 11.69 -1.92
N VAL B 15 -19.81 11.03 -1.07
CA VAL B 15 -19.21 11.61 0.08
C VAL B 15 -17.67 11.75 0.05
N VAL B 16 -17.04 10.64 -0.34
CA VAL B 16 -15.54 10.74 -0.28
C VAL B 16 -15.01 10.86 -1.72
N PRO B 17 -13.76 11.32 -1.75
CA PRO B 17 -13.07 11.39 -3.07
C PRO B 17 -12.80 9.98 -3.58
N GLU B 18 -12.40 10.00 -4.90
CA GLU B 18 -12.07 8.75 -5.61
C GLU B 18 -10.93 7.98 -4.98
N TRP B 19 -9.93 8.65 -4.46
CA TRP B 19 -8.79 8.12 -3.72
C TRP B 19 -8.90 8.58 -2.27
N VAL B 20 -8.70 7.69 -1.36
CA VAL B 20 -8.73 8.00 0.07
C VAL B 20 -7.54 7.42 0.81
N ARG B 21 -7.41 7.87 2.08
CA ARG B 21 -6.54 7.18 3.02
C ARG B 21 -7.51 6.63 4.15
N ILE B 22 -7.16 5.52 4.66
CA ILE B 22 -7.92 4.93 5.80
C ILE B 22 -7.03 4.94 7.00
N GLY B 23 -7.65 4.89 8.24
CA GLY B 23 -6.85 4.96 9.45
C GLY B 23 -7.72 4.99 10.73
N PHE B 24 -7.00 5.21 11.74
CA PHE B 24 -7.70 5.27 13.11
C PHE B 24 -7.39 6.62 13.68
N SER B 25 -8.30 7.13 14.58
CA SER B 25 -8.06 8.31 15.35
C SER B 25 -8.59 8.01 16.78
N ALA B 26 -7.98 8.62 17.71
CA ALA B 26 -8.46 8.54 19.14
C ALA B 26 -8.18 9.88 19.75
N THR B 27 -9.03 10.28 20.73
CA THR B 27 -8.84 11.55 21.42
C THR B 27 -9.30 11.35 22.93
N THR B 28 -8.75 12.30 23.61
CA THR B 28 -9.05 12.38 25.07
C THR B 28 -9.45 13.81 25.34
N GLY B 29 -10.08 13.97 26.54
CA GLY B 29 -10.46 15.33 27.01
C GLY B 29 -9.98 15.46 28.43
N ALA B 30 -10.92 16.06 29.27
CA ALA B 30 -10.65 16.15 30.72
C ALA B 30 -10.58 14.77 31.33
N GLU B 31 -11.42 13.88 30.78
CA GLU B 31 -11.43 12.46 31.10
C GLU B 31 -10.63 11.77 29.93
N TYR B 32 -10.05 10.70 30.32
CA TYR B 32 -9.14 10.04 29.32
C TYR B 32 -8.96 8.58 29.50
N ALA B 33 -8.19 8.01 28.53
CA ALA B 33 -7.85 6.60 28.52
C ALA B 33 -6.80 6.36 27.42
N ALA B 34 -6.14 5.23 27.62
CA ALA B 34 -5.20 4.84 26.46
C ALA B 34 -6.03 4.19 25.41
N HIS B 35 -5.65 4.35 24.09
CA HIS B 35 -6.33 3.78 22.99
C HIS B 35 -5.24 3.01 22.14
N GLU B 36 -5.47 1.76 22.08
CA GLU B 36 -4.39 0.99 21.33
C GLU B 36 -5.01 0.04 20.39
N VAL B 37 -4.27 -0.28 19.30
CA VAL B 37 -4.68 -1.21 18.27
C VAL B 37 -3.64 -2.38 18.26
N LEU B 38 -4.19 -3.55 18.26
CA LEU B 38 -3.30 -4.76 18.36
C LEU B 38 -3.11 -5.45 17.01
N SER B 39 -4.00 -5.34 16.09
CA SER B 39 -3.85 -6.03 14.78
C SER B 39 -4.77 -5.38 13.81
N TRP B 40 -4.44 -5.45 12.51
CA TRP B 40 -5.24 -4.73 11.52
C TRP B 40 -5.16 -5.43 10.20
N SER B 41 -6.30 -5.66 9.58
CA SER B 41 -6.26 -6.25 8.21
C SER B 41 -7.25 -5.45 7.39
N PHE B 42 -6.93 -5.32 6.09
CA PHE B 42 -7.79 -4.54 5.20
C PHE B 42 -7.76 -5.16 3.82
N HIS B 43 -8.92 -5.18 3.17
CA HIS B 43 -8.97 -5.65 1.78
C HIS B 43 -9.99 -4.83 1.04
N SER B 44 -9.71 -4.36 -0.16
CA SER B 44 -10.69 -3.64 -0.97
C SER B 44 -10.64 -4.22 -2.39
N GLU B 45 -11.71 -4.14 -3.07
CA GLU B 45 -11.76 -4.65 -4.46
C GLU B 45 -12.63 -3.72 -5.23
N LEU B 46 -12.10 -3.08 -6.26
CA LEU B 46 -12.79 -2.19 -7.18
C LEU B 46 -12.88 -2.90 -8.53
N SER B 47 -14.13 -3.17 -8.94
CA SER B 47 -14.20 -3.88 -10.28
C SER B 47 -14.24 -2.86 -11.38
N GLY B 48 -14.36 -1.61 -11.21
N THR C 1 2.91 -11.45 11.96
CA THR C 1 2.84 -11.65 10.49
C THR C 1 2.51 -10.34 9.80
N GLU C 2 3.15 -10.07 8.66
CA GLU C 2 2.86 -8.85 7.90
C GLU C 2 2.76 -9.16 6.43
N THR C 3 1.61 -8.85 5.82
CA THR C 3 1.46 -9.11 4.37
C THR C 3 1.07 -7.83 3.71
N THR C 4 1.51 -7.70 2.43
CA THR C 4 1.19 -6.52 1.57
C THR C 4 0.77 -7.09 0.25
N SER C 5 -0.42 -6.71 -0.29
CA SER C 5 -0.82 -7.28 -1.60
C SER C 5 -1.51 -6.19 -2.42
N PHE C 6 -1.39 -6.23 -3.72
CA PHE C 6 -2.14 -5.30 -4.59
C PHE C 6 -2.29 -5.98 -5.92
N LEU C 7 -3.29 -5.55 -6.68
CA LEU C 7 -3.56 -5.99 -8.03
C LEU C 7 -4.08 -4.77 -8.79
N ILE C 8 -3.49 -4.52 -9.96
CA ILE C 8 -3.93 -3.44 -10.82
C ILE C 8 -4.01 -4.02 -12.24
N THR C 9 -5.22 -4.14 -12.77
CA THR C 9 -5.32 -4.69 -14.15
C THR C 9 -5.58 -3.61 -15.15
N LYS C 10 -5.77 -2.40 -14.74
CA LYS C 10 -6.04 -1.26 -15.66
C LYS C 10 -5.58 -0.06 -14.89
N PHE C 11 -4.70 0.75 -15.50
CA PHE C 11 -4.15 1.92 -14.77
C PHE C 11 -5.04 3.12 -15.08
N SER C 12 -5.20 4.00 -14.12
CA SER C 12 -6.03 5.18 -14.27
C SER C 12 -5.11 6.34 -14.60
N PRO C 13 -5.69 7.37 -15.14
CA PRO C 13 -4.94 8.59 -15.51
C PRO C 13 -4.27 9.24 -14.35
N ASP C 14 -4.78 9.10 -13.14
CA ASP C 14 -4.09 9.73 -11.97
C ASP C 14 -4.08 8.61 -10.96
N GLN C 15 -3.07 7.73 -11.12
CA GLN C 15 -2.92 6.55 -10.27
C GLN C 15 -2.19 6.88 -9.03
N GLN C 16 -2.88 7.41 -7.99
CA GLN C 16 -2.29 7.96 -6.80
C GLN C 16 -1.58 6.98 -5.92
N ASN C 17 -1.71 5.68 -6.15
CA ASN C 17 -0.99 4.72 -5.32
C ASN C 17 0.40 4.38 -5.99
N LEU C 18 0.67 5.10 -7.01
CA LEU C 18 2.10 4.86 -7.58
C LEU C 18 2.82 6.18 -7.53
N ILE C 19 4.19 6.09 -7.47
CA ILE C 19 5.04 7.30 -7.50
C ILE C 19 5.73 7.30 -8.89
N PHE C 20 5.65 8.38 -9.60
CA PHE C 20 6.22 8.43 -10.96
C PHE C 20 7.52 9.26 -10.87
N GLN C 21 8.47 8.74 -11.67
CA GLN C 21 9.83 9.41 -11.68
C GLN C 21 10.20 9.43 -13.17
N GLY C 22 10.91 10.52 -13.48
CA GLY C 22 11.31 10.70 -14.92
C GLY C 22 10.14 10.83 -15.81
N ASP C 23 10.01 10.18 -16.94
CA ASP C 23 8.93 10.30 -17.87
C ASP C 23 7.71 9.38 -17.61
N GLY C 24 7.75 8.68 -16.51
CA GLY C 24 6.63 7.69 -16.31
C GLY C 24 5.30 8.44 -16.04
N TYR C 25 4.29 7.81 -16.65
CA TYR C 25 2.90 8.31 -16.40
C TYR C 25 1.98 7.22 -16.87
N THR C 26 0.64 7.41 -16.71
CA THR C 26 -0.31 6.39 -17.17
C THR C 26 -1.15 6.96 -18.31
N THR C 27 -1.50 6.11 -19.24
CA THR C 27 -2.32 6.55 -20.41
C THR C 27 -2.97 5.37 -21.10
N LYS C 28 -4.14 5.54 -21.66
CA LYS C 28 -4.83 4.43 -22.36
C LYS C 28 -4.79 3.14 -21.54
N GLU C 29 -5.05 3.30 -20.24
CA GLU C 29 -5.10 2.24 -19.26
C GLU C 29 -3.79 1.45 -19.04
N LYS C 30 -2.73 2.03 -19.57
CA LYS C 30 -1.38 1.40 -19.42
C LYS C 30 -0.46 2.31 -18.66
N LEU C 31 0.57 1.71 -18.07
CA LEU C 31 1.63 2.43 -17.38
C LEU C 31 2.79 2.62 -18.47
N THR C 32 3.02 3.86 -18.76
CA THR C 32 4.12 4.05 -19.80
C THR C 32 5.31 4.57 -19.08
N LEU C 33 6.42 3.77 -19.21
CA LEU C 33 7.70 4.12 -18.55
C LEU C 33 8.45 5.09 -19.51
N THR C 34 8.47 4.66 -20.77
CA THR C 34 9.06 5.56 -21.79
C THR C 34 8.20 5.44 -23.04
N LYS C 35 8.17 6.58 -23.73
CA LYS C 35 7.60 6.69 -25.11
C LYS C 35 8.79 6.27 -26.00
N ALA C 36 8.57 6.13 -27.27
CA ALA C 36 9.60 5.78 -28.25
C ALA C 36 10.38 7.05 -28.62
N VAL C 37 11.19 7.49 -27.69
CA VAL C 37 12.00 8.72 -27.87
C VAL C 37 13.39 8.49 -27.29
N LYS C 38 14.37 9.22 -27.87
CA LYS C 38 15.77 9.10 -27.50
C LYS C 38 16.13 9.55 -26.11
N ASN C 39 17.07 8.91 -25.46
CA ASN C 39 17.67 9.23 -24.22
C ASN C 39 16.77 9.64 -23.07
N THR C 40 15.88 8.76 -22.73
CA THR C 40 14.94 9.10 -21.61
C THR C 40 14.90 7.98 -20.58
N VAL C 41 14.32 8.30 -19.43
CA VAL C 41 14.21 7.34 -18.31
C VAL C 41 12.78 7.56 -17.70
N GLY C 42 12.23 6.40 -17.33
CA GLY C 42 10.88 6.54 -16.62
C GLY C 42 10.87 5.45 -15.56
N ARG C 43 10.34 5.80 -14.38
CA ARG C 43 10.25 4.76 -13.29
C ARG C 43 8.84 4.97 -12.59
N ALA C 44 8.39 3.88 -12.05
CA ALA C 44 7.08 3.92 -11.30
C ALA C 44 7.26 2.97 -10.11
N LEU C 45 6.88 3.44 -8.89
CA LEU C 45 7.05 2.67 -7.69
C LEU C 45 5.64 2.54 -6.92
N TYR C 46 5.59 1.38 -6.32
CA TYR C 46 4.27 1.31 -5.49
C TYR C 46 4.54 2.25 -4.34
N SER C 47 3.38 3.00 -3.99
CA SER C 47 3.46 3.97 -2.93
C SER C 47 3.93 3.47 -1.58
N SER C 48 3.46 2.35 -1.09
CA SER C 48 3.80 1.92 0.27
C SER C 48 5.16 1.20 0.36
N PRO C 49 5.87 1.54 1.40
CA PRO C 49 7.11 0.79 1.70
C PRO C 49 6.69 -0.62 1.97
N ILE C 50 7.48 -1.63 1.72
CA ILE C 50 7.26 -3.03 1.89
C ILE C 50 8.28 -3.59 2.91
N HIS C 51 7.76 -4.34 3.86
CA HIS C 51 8.65 -4.89 4.91
C HIS C 51 9.15 -6.21 4.40
N ILE C 52 10.44 -6.18 3.95
CA ILE C 52 11.06 -7.35 3.29
C ILE C 52 11.88 -8.22 4.21
N TRP C 53 12.42 -7.68 5.28
CA TRP C 53 13.13 -8.55 6.25
C TRP C 53 13.06 -7.81 7.58
N ASP C 54 13.37 -8.58 8.62
CA ASP C 54 13.34 -7.97 9.98
C ASP C 54 14.61 -8.29 10.74
N ARG C 55 15.22 -7.24 11.22
CA ARG C 55 16.43 -7.32 12.04
C ARG C 55 16.12 -7.97 13.38
N GLU C 56 14.93 -7.81 13.91
CA GLU C 56 14.56 -8.41 15.19
C GLU C 56 14.54 -9.93 15.23
N THR C 57 13.95 -10.57 14.25
CA THR C 57 13.81 -12.01 14.14
C THR C 57 14.74 -12.69 13.15
N GLY C 58 15.20 -11.93 12.16
CA GLY C 58 16.03 -12.43 11.09
C GLY C 58 15.18 -13.01 9.96
N ASN C 59 13.86 -12.91 10.12
CA ASN C 59 12.95 -13.39 9.10
C ASN C 59 13.02 -12.50 7.84
N VAL C 60 12.88 -13.16 6.73
CA VAL C 60 12.87 -12.57 5.40
C VAL C 60 11.53 -12.99 4.77
N ALA C 61 10.96 -12.09 4.03
CA ALA C 61 9.69 -12.33 3.38
C ALA C 61 9.77 -13.20 2.15
N ASN C 62 8.75 -13.99 1.91
CA ASN C 62 8.48 -14.64 0.64
C ASN C 62 7.73 -13.59 -0.19
N PHE C 63 7.96 -13.48 -1.47
CA PHE C 63 7.18 -12.53 -2.30
C PHE C 63 6.97 -13.10 -3.69
N VAL C 64 5.96 -12.63 -4.36
CA VAL C 64 5.69 -13.06 -5.75
C VAL C 64 5.18 -11.79 -6.42
N THR C 65 5.53 -11.59 -7.72
CA THR C 65 4.97 -10.44 -8.47
C THR C 65 4.67 -10.97 -9.85
N SER C 66 3.56 -10.58 -10.44
CA SER C 66 3.15 -10.89 -11.79
C SER C 66 2.93 -9.57 -12.51
N PHE C 67 3.44 -9.48 -13.77
CA PHE C 67 3.12 -8.29 -14.58
C PHE C 67 3.19 -8.72 -16.04
N THR C 68 2.53 -7.91 -16.83
CA THR C 68 2.54 -8.11 -18.31
C THR C 68 3.12 -6.85 -18.84
N PHE C 69 4.16 -6.92 -19.71
CA PHE C 69 4.81 -5.72 -20.24
C PHE C 69 4.89 -5.85 -21.79
N VAL C 70 5.07 -4.72 -22.36
CA VAL C 70 5.20 -4.68 -23.85
C VAL C 70 6.30 -3.68 -24.17
N ILE C 71 7.12 -4.11 -25.17
CA ILE C 71 8.18 -3.24 -25.71
C ILE C 71 7.74 -2.99 -27.17
N ASN C 72 7.57 -1.78 -27.54
CA ASN C 72 7.11 -1.39 -28.87
C ASN C 72 8.18 -0.48 -29.49
N ALA C 73 8.98 -1.06 -30.36
CA ALA C 73 10.02 -0.28 -31.04
C ALA C 73 9.57 -0.05 -32.48
N PRO C 74 9.86 1.17 -32.94
CA PRO C 74 9.50 1.56 -34.32
C PRO C 74 10.18 0.53 -35.23
N ASN C 75 11.47 0.30 -34.92
CA ASN C 75 12.21 -0.75 -35.64
C ASN C 75 12.60 -1.89 -34.72
N SER C 76 12.22 -3.10 -35.01
CA SER C 76 12.54 -4.26 -34.17
C SER C 76 14.00 -4.67 -34.09
N TYR C 77 14.83 -4.09 -34.93
CA TYR C 77 16.27 -4.44 -34.93
C TYR C 77 17.09 -3.39 -34.21
N ASN C 78 16.55 -2.20 -34.11
CA ASN C 78 17.23 -1.06 -33.48
C ASN C 78 16.51 -0.67 -32.17
N VAL C 79 16.89 -1.30 -31.12
CA VAL C 79 16.32 -1.14 -29.76
C VAL C 79 17.46 -1.25 -28.76
N ALA C 80 16.92 -0.18 -28.13
CA ALA C 80 17.10 0.21 -26.95
C ALA C 80 16.83 0.78 -25.58
N ASP C 81 16.93 0.57 -24.32
CA ASP C 81 17.89 0.14 -23.47
C ASP C 81 17.46 -1.21 -22.73
N GLY C 82 16.16 -1.04 -22.29
CA GLY C 82 15.60 -2.24 -21.61
C GLY C 82 14.66 -1.67 -20.47
N PHE C 83 14.30 -2.70 -19.76
CA PHE C 83 13.24 -2.50 -18.68
C PHE C 83 13.63 -3.32 -17.48
N THR C 84 13.25 -2.88 -16.26
CA THR C 84 13.55 -3.69 -15.08
C THR C 84 12.33 -3.68 -14.02
N PHE C 85 12.40 -4.77 -13.30
CA PHE C 85 11.54 -4.73 -12.05
C PHE C 85 12.60 -4.59 -11.00
N PHE C 86 12.49 -3.77 -9.96
CA PHE C 86 13.54 -3.62 -8.97
C PHE C 86 13.04 -3.48 -7.53
N ILE C 87 13.90 -3.70 -6.62
CA ILE C 87 13.66 -3.55 -5.19
C ILE C 87 14.78 -2.63 -4.69
N ALA C 88 14.41 -1.52 -4.03
CA ALA C 88 15.49 -0.57 -3.60
C ALA C 88 15.08 0.11 -2.31
N PRO C 89 15.91 0.94 -1.76
CA PRO C 89 15.57 1.69 -0.54
C PRO C 89 14.31 2.52 -0.86
N VAL C 90 13.66 2.84 0.29
CA VAL C 90 12.44 3.68 0.23
C VAL C 90 12.61 4.98 -0.51
N ASP C 91 13.73 5.68 -0.33
CA ASP C 91 13.99 6.99 -0.93
C ASP C 91 14.68 6.95 -2.30
N THR C 92 14.58 5.82 -2.95
CA THR C 92 15.19 5.62 -4.29
C THR C 92 14.75 6.62 -5.30
N LYS C 93 15.68 7.11 -6.14
CA LYS C 93 15.51 8.05 -7.25
C LYS C 93 16.31 7.46 -8.44
N PRO C 94 16.02 7.96 -9.62
CA PRO C 94 16.69 7.44 -10.83
C PRO C 94 18.23 7.56 -10.68
N GLN C 95 18.81 6.49 -11.21
CA GLN C 95 20.34 6.41 -11.15
C GLN C 95 20.74 6.75 -12.58
N THR C 96 21.88 6.15 -13.00
CA THR C 96 22.37 6.45 -14.37
C THR C 96 21.40 5.95 -15.38
N GLY C 97 21.24 6.64 -16.52
CA GLY C 97 20.38 6.23 -17.61
C GLY C 97 21.05 5.27 -18.60
N GLY C 98 20.48 5.21 -19.75
CA GLY C 98 20.90 4.39 -20.88
C GLY C 98 21.14 3.00 -20.49
N GLY C 99 22.28 2.33 -20.66
CA GLY C 99 22.48 0.95 -20.33
C GLY C 99 22.49 0.61 -18.88
N TYR C 100 22.41 1.61 -18.00
CA TYR C 100 22.38 1.45 -16.56
C TYR C 100 20.85 1.29 -16.09
N LEU C 101 20.04 1.51 -17.04
CA LEU C 101 18.60 1.19 -16.84
C LEU C 101 17.95 2.04 -15.76
N GLY C 102 18.56 3.09 -15.35
CA GLY C 102 17.98 4.01 -14.34
C GLY C 102 18.05 3.44 -12.97
N VAL C 103 18.77 2.32 -12.72
CA VAL C 103 18.86 1.67 -11.46
C VAL C 103 20.23 1.52 -10.79
N PHE C 104 21.22 1.49 -11.75
CA PHE C 104 22.63 1.27 -11.25
C PHE C 104 23.52 2.43 -11.80
N ASN C 105 24.73 2.38 -11.18
CA ASN C 105 25.69 3.42 -11.63
C ASN C 105 27.01 2.77 -12.11
N SER C 106 27.12 1.50 -11.93
CA SER C 106 28.44 0.87 -12.28
C SER C 106 28.30 -0.61 -12.50
N ALA C 107 29.27 -1.12 -13.26
CA ALA C 107 29.39 -2.56 -13.53
C ALA C 107 30.14 -3.16 -12.35
N GLU C 108 30.80 -2.36 -11.54
CA GLU C 108 31.46 -2.88 -10.33
C GLU C 108 30.42 -2.95 -9.19
N TYR C 109 30.58 -3.90 -8.30
CA TYR C 109 29.74 -4.16 -7.18
C TYR C 109 29.72 -2.98 -6.20
N ASP C 110 28.55 -2.40 -5.99
CA ASP C 110 28.48 -1.23 -5.08
C ASP C 110 27.41 -1.55 -4.00
N LYS C 111 27.88 -1.90 -2.85
CA LYS C 111 27.02 -2.27 -1.73
C LYS C 111 26.09 -1.12 -1.34
N THR C 112 26.49 0.08 -1.66
CA THR C 112 25.65 1.24 -1.22
C THR C 112 24.41 1.33 -2.05
N THR C 113 24.37 0.77 -3.24
CA THR C 113 23.21 0.86 -4.11
C THR C 113 22.00 0.16 -3.44
N GLN C 114 22.28 -0.87 -2.73
CA GLN C 114 21.26 -1.69 -2.05
C GLN C 114 20.09 -1.97 -2.95
N THR C 115 20.35 -2.42 -4.19
CA THR C 115 19.24 -2.67 -5.13
C THR C 115 19.39 -4.02 -5.80
N VAL C 116 18.30 -4.73 -5.96
CA VAL C 116 18.24 -6.00 -6.68
C VAL C 116 17.34 -5.71 -7.85
N ALA C 117 17.68 -6.10 -9.09
CA ALA C 117 16.80 -5.85 -10.19
C ALA C 117 16.71 -7.04 -11.11
N VAL C 118 15.57 -7.24 -11.74
CA VAL C 118 15.50 -8.26 -12.82
C VAL C 118 15.39 -7.43 -14.08
N GLU C 119 16.49 -7.59 -14.95
CA GLU C 119 16.45 -6.78 -16.20
C GLU C 119 15.96 -7.54 -17.38
N PHE C 120 15.40 -6.89 -18.34
CA PHE C 120 15.00 -7.40 -19.67
C PHE C 120 15.76 -6.41 -20.55
N ASP C 121 17.00 -6.86 -20.92
CA ASP C 121 18.02 -5.94 -21.56
C ASP C 121 18.00 -6.12 -23.06
N THR C 122 17.75 -5.08 -23.79
CA THR C 122 17.51 -5.12 -25.23
C THR C 122 18.73 -4.60 -26.09
N PHE C 123 19.71 -4.19 -25.34
CA PHE C 123 20.88 -3.59 -26.09
C PHE C 123 22.15 -4.08 -25.45
N TYR C 124 23.02 -4.61 -26.42
CA TYR C 124 24.33 -5.15 -25.98
C TYR C 124 25.28 -4.03 -25.64
N ASN C 125 25.73 -3.95 -24.43
CA ASN C 125 26.72 -3.05 -23.88
C ASN C 125 27.99 -3.93 -23.74
N ALA C 126 28.91 -3.66 -24.71
CA ALA C 126 30.16 -4.49 -24.71
C ALA C 126 30.90 -4.58 -23.44
N ALA C 127 30.98 -3.61 -22.57
CA ALA C 127 31.72 -3.58 -21.33
C ALA C 127 31.26 -4.59 -20.33
N TRP C 128 29.92 -4.94 -20.41
CA TRP C 128 29.40 -5.91 -19.41
C TRP C 128 28.37 -6.89 -19.86
N ASP C 129 27.72 -6.79 -20.96
CA ASP C 129 26.64 -7.71 -21.39
C ASP C 129 27.28 -9.01 -21.93
N PRO C 130 26.53 -10.05 -21.97
CA PRO C 130 26.98 -11.36 -22.46
C PRO C 130 27.58 -11.17 -23.86
N SER C 131 28.78 -11.80 -24.00
CA SER C 131 29.48 -11.71 -25.31
C SER C 131 28.75 -12.21 -26.51
N ASN C 132 27.72 -13.04 -26.45
CA ASN C 132 26.94 -13.52 -27.56
C ASN C 132 26.09 -12.42 -28.17
N ARG C 133 26.02 -11.29 -27.51
CA ARG C 133 25.29 -10.12 -27.91
C ARG C 133 23.77 -10.31 -27.91
N ASP C 134 23.34 -11.43 -27.32
CA ASP C 134 21.86 -11.70 -27.36
C ASP C 134 21.13 -10.79 -26.35
N ARG C 135 19.91 -10.50 -26.79
CA ARG C 135 19.04 -9.74 -25.79
C ARG C 135 18.90 -10.80 -24.68
N HIS C 136 18.68 -10.28 -23.43
CA HIS C 136 18.70 -11.22 -22.32
C HIS C 136 17.91 -10.71 -21.07
N ILE C 137 17.56 -11.73 -20.34
CA ILE C 137 16.97 -11.48 -18.99
C ILE C 137 18.15 -11.65 -18.04
N GLY C 138 18.28 -10.89 -16.97
CA GLY C 138 19.33 -10.98 -16.03
C GLY C 138 18.90 -10.71 -14.57
N ILE C 139 19.61 -11.26 -13.66
CA ILE C 139 19.43 -10.96 -12.23
C ILE C 139 20.55 -10.02 -11.85
N ASP C 140 20.24 -8.80 -11.40
CA ASP C 140 21.24 -7.81 -11.07
C ASP C 140 21.28 -7.54 -9.58
N VAL C 141 22.40 -7.60 -8.96
CA VAL C 141 22.58 -7.38 -7.55
C VAL C 141 23.67 -6.32 -7.34
N ASN C 142 23.25 -5.11 -7.11
CA ASN C 142 24.21 -4.01 -6.81
C ASN C 142 25.18 -3.72 -7.99
N SER C 143 24.79 -4.06 -9.14
CA SER C 143 25.65 -3.88 -10.33
C SER C 143 24.85 -4.14 -11.56
N ILE C 144 25.22 -3.48 -12.64
CA ILE C 144 24.59 -3.70 -13.98
C ILE C 144 25.12 -4.97 -14.67
N LYS C 145 26.20 -5.48 -14.11
CA LYS C 145 26.76 -6.77 -14.63
C LYS C 145 26.02 -7.91 -13.87
N SER C 146 25.09 -8.49 -14.63
CA SER C 146 24.22 -9.55 -13.99
C SER C 146 24.98 -10.71 -13.41
N VAL C 147 24.41 -11.23 -12.34
CA VAL C 147 24.96 -12.44 -11.66
C VAL C 147 24.59 -13.62 -12.49
N ASN C 148 23.55 -13.60 -13.28
CA ASN C 148 23.13 -14.71 -14.15
C ASN C 148 22.27 -14.18 -15.23
N THR C 149 22.29 -14.70 -16.43
CA THR C 149 21.53 -14.24 -17.57
C THR C 149 21.02 -15.38 -18.39
N LYS C 150 19.99 -15.17 -19.15
CA LYS C 150 19.39 -16.10 -20.08
C LYS C 150 19.05 -15.31 -21.34
N SER C 151 19.51 -15.88 -22.49
CA SER C 151 19.16 -15.26 -23.79
C SER C 151 17.63 -15.24 -23.91
N TRP C 152 17.17 -14.18 -24.47
CA TRP C 152 15.73 -13.96 -24.71
C TRP C 152 15.53 -13.32 -26.07
N LYS C 153 14.60 -13.87 -26.83
CA LYS C 153 14.27 -13.29 -28.13
C LYS C 153 13.09 -12.30 -27.94
N LEU C 154 13.38 -11.03 -28.07
CA LEU C 154 12.34 -10.02 -28.02
C LEU C 154 11.29 -10.27 -29.10
N GLN C 155 10.04 -10.10 -28.72
CA GLN C 155 8.88 -10.17 -29.64
C GLN C 155 8.29 -8.78 -29.61
N ASN C 156 8.61 -7.97 -30.60
CA ASN C 156 8.22 -6.59 -30.74
C ASN C 156 6.68 -6.43 -30.68
N GLY C 157 6.29 -5.54 -29.81
CA GLY C 157 4.83 -5.26 -29.61
C GLY C 157 4.00 -6.39 -29.04
N GLU C 158 4.58 -7.47 -28.59
CA GLU C 158 3.86 -8.61 -28.04
C GLU C 158 3.84 -8.53 -26.51
N GLU C 159 2.73 -9.06 -25.95
CA GLU C 159 2.61 -9.01 -24.47
C GLU C 159 3.42 -10.15 -23.86
N ALA C 160 4.22 -9.78 -22.90
CA ALA C 160 5.02 -10.74 -22.13
C ALA C 160 4.48 -10.86 -20.72
N ASN C 161 4.17 -12.07 -20.29
CA ASN C 161 3.71 -12.33 -18.94
C ASN C 161 4.91 -12.73 -18.09
N VAL C 162 5.17 -11.96 -17.06
CA VAL C 162 6.29 -12.26 -16.18
C VAL C 162 5.86 -12.62 -14.77
N VAL C 163 6.48 -13.60 -14.22
CA VAL C 163 6.32 -13.92 -12.78
C VAL C 163 7.70 -13.90 -12.15
N ILE C 164 7.89 -13.19 -11.08
CA ILE C 164 9.09 -13.20 -10.29
C ILE C 164 8.75 -13.63 -8.86
N ALA C 165 9.44 -14.56 -8.31
CA ALA C 165 9.14 -15.08 -6.98
C ALA C 165 10.43 -15.21 -6.20
N PHE C 166 10.32 -14.95 -4.90
CA PHE C 166 11.49 -15.10 -4.01
C PHE C 166 11.07 -16.09 -2.92
N ASN C 167 11.89 -17.10 -2.71
CA ASN C 167 11.64 -18.13 -1.70
C ASN C 167 12.58 -17.93 -0.55
N ALA C 168 12.17 -17.41 0.58
CA ALA C 168 12.94 -17.12 1.72
C ALA C 168 13.67 -18.34 2.36
N ALA C 169 13.16 -19.50 2.14
CA ALA C 169 13.66 -20.75 2.70
C ALA C 169 15.05 -21.07 2.08
N THR C 170 15.10 -20.77 0.81
CA THR C 170 16.34 -21.06 0.03
C THR C 170 17.07 -19.87 -0.51
N ASN C 171 16.54 -18.67 -0.41
CA ASN C 171 17.11 -17.46 -0.96
C ASN C 171 17.10 -17.51 -2.50
N VAL C 172 16.20 -18.26 -3.05
CA VAL C 172 16.14 -18.36 -4.52
C VAL C 172 15.19 -17.37 -5.17
N LEU C 173 15.74 -16.63 -6.16
CA LEU C 173 14.89 -15.70 -6.92
C LEU C 173 14.63 -16.35 -8.25
N THR C 174 13.38 -16.51 -8.66
CA THR C 174 13.06 -17.12 -9.95
C THR C 174 12.31 -16.15 -10.84
N VAL C 175 12.64 -16.17 -12.13
CA VAL C 175 12.00 -15.27 -13.10
C VAL C 175 11.45 -16.17 -14.18
N SER C 176 10.23 -15.91 -14.61
CA SER C 176 9.68 -16.61 -15.79
C SER C 176 9.10 -15.55 -16.73
N LEU C 177 9.39 -15.75 -18.03
CA LEU C 177 8.82 -14.88 -19.05
C LEU C 177 8.15 -15.75 -20.10
N THR C 178 6.88 -15.39 -20.44
CA THR C 178 6.14 -16.15 -21.44
C THR C 178 5.48 -15.23 -22.42
N TYR C 179 5.55 -15.61 -23.71
CA TYR C 179 4.90 -15.03 -24.84
C TYR C 179 3.84 -16.03 -25.36
N PRO C 180 2.72 -15.45 -25.74
CA PRO C 180 1.56 -16.25 -26.25
C PRO C 180 2.10 -17.16 -27.34
N ASN C 181 3.13 -16.63 -27.99
CA ASN C 181 4.07 -17.19 -28.87
C ASN C 181 5.26 -16.19 -28.94
N VAL D 1 3.28 -20.54 -27.63
CA VAL D 1 3.88 -20.18 -26.35
C VAL D 1 5.41 -20.41 -26.36
N THR D 2 6.07 -19.37 -25.93
CA THR D 2 7.53 -19.34 -25.81
C THR D 2 7.87 -18.88 -24.39
N SER D 3 8.58 -19.70 -23.67
CA SER D 3 8.90 -19.32 -22.28
C SER D 3 10.37 -19.43 -21.95
N TYR D 4 10.74 -18.66 -20.97
CA TYR D 4 12.14 -18.54 -20.48
C TYR D 4 12.12 -18.49 -18.97
N THR D 5 13.01 -19.19 -18.32
CA THR D 5 13.12 -19.20 -16.87
C THR D 5 14.58 -18.96 -16.47
N LEU D 6 14.79 -18.38 -15.34
CA LEU D 6 16.12 -18.07 -14.81
C LEU D 6 16.01 -18.09 -13.31
N SER D 7 17.02 -18.53 -12.61
CA SER D 7 17.01 -18.45 -11.15
C SER D 7 18.41 -18.27 -10.62
N ASP D 8 18.54 -17.77 -9.43
CA ASP D 8 19.84 -17.71 -8.75
C ASP D 8 19.57 -17.47 -7.28
N VAL D 9 20.54 -17.68 -6.44
CA VAL D 9 20.45 -17.46 -5.01
C VAL D 9 20.93 -16.03 -4.81
N VAL D 10 20.08 -15.26 -4.13
CA VAL D 10 20.32 -13.85 -3.83
C VAL D 10 19.98 -13.71 -2.34
N SER D 11 20.92 -13.38 -1.52
CA SER D 11 20.69 -13.22 -0.08
C SER D 11 20.22 -11.78 0.14
N LEU D 12 18.91 -11.62 0.00
CA LEU D 12 18.25 -10.34 0.13
C LEU D 12 18.62 -9.60 1.40
N LYS D 13 18.63 -10.32 2.52
CA LYS D 13 18.89 -9.74 3.84
C LYS D 13 20.22 -8.97 3.83
N ASP D 14 21.16 -9.44 2.97
CA ASP D 14 22.47 -8.82 2.91
C ASP D 14 22.55 -7.68 1.92
N VAL D 15 21.60 -7.49 1.07
CA VAL D 15 21.68 -6.46 0.03
C VAL D 15 20.72 -5.29 0.18
N VAL D 16 19.47 -5.60 0.50
CA VAL D 16 18.49 -4.44 0.64
C VAL D 16 18.23 -4.21 2.12
N PRO D 17 17.73 -3.00 2.41
CA PRO D 17 17.32 -2.63 3.77
C PRO D 17 16.00 -3.40 4.08
N GLU D 18 15.69 -3.26 5.37
CA GLU D 18 14.46 -3.95 5.91
C GLU D 18 13.19 -3.46 5.23
N TRP D 19 13.13 -2.20 4.96
CA TRP D 19 12.01 -1.60 4.24
C TRP D 19 12.48 -1.21 2.83
N VAL D 20 11.65 -1.54 1.84
CA VAL D 20 11.98 -1.17 0.48
C VAL D 20 10.78 -0.61 -0.26
N ARG D 21 11.04 -0.06 -1.42
CA ARG D 21 10.02 0.27 -2.40
C ARG D 21 10.33 -0.64 -3.63
N ILE D 22 9.31 -1.00 -4.30
CA ILE D 22 9.38 -1.87 -5.49
C ILE D 22 8.83 -1.10 -6.64
N GLY D 23 9.35 -1.41 -7.86
CA GLY D 23 8.87 -0.73 -9.02
C GLY D 23 9.50 -1.17 -10.36
N PHE D 24 9.26 -0.31 -11.27
CA PHE D 24 9.81 -0.61 -12.67
C PHE D 24 10.64 0.60 -13.09
N SER D 25 11.61 0.28 -13.99
CA SER D 25 12.43 1.37 -14.60
C SER D 25 12.59 1.00 -16.03
N ALA D 26 12.68 2.00 -16.91
CA ALA D 26 13.00 1.66 -18.35
C ALA D 26 13.81 2.89 -18.79
N THR D 27 14.68 2.59 -19.82
CA THR D 27 15.50 3.67 -20.38
C THR D 27 15.63 3.42 -21.91
N THR D 28 15.96 4.53 -22.50
CA THR D 28 16.25 4.49 -23.98
C THR D 28 17.60 5.28 -24.12
N GLY D 29 18.14 5.05 -25.32
CA GLY D 29 19.41 5.73 -25.68
C GLY D 29 19.16 6.38 -27.04
N ALA D 30 20.20 6.12 -27.90
CA ALA D 30 20.15 6.59 -29.30
C ALA D 30 19.14 5.81 -30.06
N GLU D 31 19.00 4.54 -29.73
CA GLU D 31 17.97 3.62 -30.25
C GLU D 31 16.92 3.56 -29.04
N TYR D 32 15.71 3.40 -29.50
CA TYR D 32 14.63 3.47 -28.44
C TYR D 32 13.43 2.60 -28.73
N ALA D 33 12.52 2.62 -27.73
CA ALA D 33 11.25 1.86 -27.83
C ALA D 33 10.36 2.38 -26.63
N ALA D 34 9.08 2.09 -26.83
CA ALA D 34 8.15 2.46 -25.69
C ALA D 34 8.13 1.22 -24.83
N HIS D 35 8.11 1.45 -23.50
CA HIS D 35 8.16 0.36 -22.54
C HIS D 35 6.81 0.55 -21.72
N GLU D 36 5.97 -0.47 -21.83
CA GLU D 36 4.66 -0.21 -21.10
C GLU D 36 4.29 -1.43 -20.27
N VAL D 37 3.56 -1.16 -19.18
CA VAL D 37 3.15 -2.27 -18.28
C VAL D 37 1.56 -2.29 -18.30
N LEU D 38 1.06 -3.45 -18.52
CA LEU D 38 -0.43 -3.51 -18.70
C LEU D 38 -1.16 -3.99 -17.41
N SER D 39 -0.51 -4.74 -16.61
CA SER D 39 -1.08 -5.29 -15.39
C SER D 39 0.00 -5.48 -14.37
N TRP D 40 -0.28 -5.45 -13.09
CA TRP D 40 0.71 -5.71 -12.05
C TRP D 40 0.11 -6.24 -10.76
N SER D 41 0.60 -7.35 -10.30
CA SER D 41 0.13 -7.77 -8.94
C SER D 41 1.40 -8.04 -8.11
N PHE D 42 1.23 -8.02 -6.80
CA PHE D 42 2.33 -8.20 -5.88
C PHE D 42 1.75 -8.81 -4.57
N HIS D 43 2.47 -9.72 -4.01
CA HIS D 43 2.11 -10.28 -2.68
C HIS D 43 3.39 -10.50 -1.90
N SER D 44 3.49 -10.08 -0.70
CA SER D 44 4.63 -10.38 0.17
C SER D 44 4.08 -10.90 1.50
N GLU D 45 4.84 -11.77 2.12
CA GLU D 45 4.46 -12.26 3.47
C GLU D 45 5.70 -12.37 4.32
N LEU D 46 5.77 -11.64 5.44
CA LEU D 46 6.87 -11.68 6.39
C LEU D 46 6.33 -12.35 7.68
N SER D 47 6.91 -13.47 8.02
CA SER D 47 6.42 -14.17 9.27
C SER D 47 7.09 -13.61 10.49
N GLY D 48 8.10 -12.86 10.35
MN MN E . -21.25 10.00 19.37
CA CA F . -19.02 11.92 22.44
MN MN G . 22.48 -6.86 -19.41
CA CA H . 22.48 -3.62 -22.08
#